data_4L4I
#
_entry.id   4L4I
#
_cell.length_a   78.050
_cell.length_b   78.050
_cell.length_c   248.100
_cell.angle_alpha   90.00
_cell.angle_beta   90.00
_cell.angle_gamma   90.00
#
_symmetry.space_group_name_H-M   'P 42 21 2'
#
loop_
_entity.id
_entity.type
_entity.pdbx_description
1 polymer 'Ryanodine receptor 2'
2 non-polymer GLYCEROL
3 water water
#
_entity_poly.entity_id   1
_entity_poly.type   'polypeptide(L)'
_entity_poly.pdbx_seq_one_letter_code
;MADAGEGEDEIQFLRTDDEVVLQCTATIHKEQQKLCLAAEGFGNRLCFLESTSNSKNVPPDLSICTFVLEQSLSVRALQE
MLANTVEKSEGQVDVEKWKFMMKTAQGGGHRTLLYGHAILLRHSYSGMYLCCLSTSRSSTDKLAFDVGLQEDTTGEACWW
TIHPASKQRSEGEKVRVGDDLILVSVSSERYLHLSYGNSSWHVDAAFQQTLWSVAPISSGSEAAQGYLIGGDVLRLLHGH
MDECLTVPSGEHGEEQRRTVHYEGGAVSVHARSLWRLETLRVAWSGSHIRWGQPFRLRHVTTGKYLSLMEDKNLLLMDKE
KADVKSTAFAFRSSKEKLDVGVRKEVDGMGTSEIKYGDSICYIQHVDTGLWLTYQAVDVKSARMGSIQRKAIMHHEGHMD
DGLNLSRSQHEESRTARVIQSTVFLFNRFIRGLDALSKKVKLPTIDLPIESVSLSLQDLIGYFHPPDEHLEHEDKQNRLR
ALKNRQNLFQEEGMINLVLECIDRLHVYSSAAHFADVAGREAGESWKSILNSLYELLAALIRGNRKN
;
_entity_poly.pdbx_strand_id   A
#
# COMPACT_ATOMS: atom_id res chain seq x y z
N ILE A 11 19.27 -8.17 -21.12
CA ILE A 11 18.29 -7.39 -21.94
C ILE A 11 16.92 -8.09 -22.00
N GLN A 12 15.95 -7.54 -21.27
CA GLN A 12 14.65 -8.22 -21.11
C GLN A 12 13.48 -7.44 -21.71
N PHE A 13 12.40 -8.17 -22.00
CA PHE A 13 11.19 -7.61 -22.59
C PHE A 13 10.06 -7.60 -21.58
N LEU A 14 9.10 -6.71 -21.79
CA LEU A 14 7.92 -6.60 -20.95
C LEU A 14 6.81 -7.50 -21.46
N ARG A 15 6.09 -8.12 -20.54
CA ARG A 15 5.03 -9.04 -20.90
C ARG A 15 3.85 -8.75 -19.99
N THR A 16 2.65 -9.17 -20.40
CA THR A 16 1.50 -8.94 -19.55
C THR A 16 1.71 -9.64 -18.21
N ASP A 17 0.94 -9.24 -17.20
CA ASP A 17 1.10 -9.72 -15.83
C ASP A 17 2.47 -9.39 -15.20
N ASP A 18 3.28 -8.59 -15.88
CA ASP A 18 4.45 -8.01 -15.24
C ASP A 18 4.07 -6.77 -14.41
N GLU A 19 4.74 -6.59 -13.27
CA GLU A 19 4.53 -5.39 -12.46
C GLU A 19 5.69 -4.40 -12.66
N VAL A 20 5.35 -3.11 -12.79
CA VAL A 20 6.34 -2.06 -13.06
C VAL A 20 6.16 -0.80 -12.20
N VAL A 21 7.22 0.02 -12.10
CA VAL A 21 7.02 1.42 -11.71
C VAL A 21 7.36 2.29 -12.91
N LEU A 22 6.48 3.27 -13.12
CA LEU A 22 6.61 4.25 -14.14
C LEU A 22 7.42 5.40 -13.57
N GLN A 23 8.56 5.72 -14.18
CA GLN A 23 9.40 6.79 -13.64
C GLN A 23 9.66 7.91 -14.63
N CYS A 24 9.68 9.13 -14.12
CA CYS A 24 10.04 10.29 -14.92
C CYS A 24 11.12 11.05 -14.17
N THR A 25 11.82 11.94 -14.87
CA THR A 25 12.89 12.70 -14.26
C THR A 25 12.41 14.13 -14.11
N ALA A 26 12.69 14.71 -12.94
CA ALA A 26 12.28 16.07 -12.64
C ALA A 26 13.45 16.81 -12.02
N THR A 27 13.31 18.12 -11.86
CA THR A 27 14.38 18.93 -11.29
C THR A 27 13.96 19.51 -9.94
N ILE A 28 14.66 19.09 -8.89
CA ILE A 28 14.41 19.56 -7.53
C ILE A 28 15.72 19.97 -6.87
N HIS A 29 15.70 21.15 -6.25
CA HIS A 29 16.90 21.79 -5.67
C HIS A 29 18.08 21.72 -6.66
N LYS A 30 17.78 22.00 -7.93
CA LYS A 30 18.73 21.98 -9.05
C LYS A 30 19.40 20.62 -9.26
N GLU A 31 18.67 19.54 -8.96
CA GLU A 31 19.18 18.18 -9.15
C GLU A 31 18.12 17.24 -9.71
N GLN A 32 18.46 16.55 -10.80
CA GLN A 32 17.60 15.58 -11.44
C GLN A 32 17.32 14.39 -10.51
N GLN A 33 16.08 14.31 -10.03
CA GLN A 33 15.59 13.17 -9.25
C GLN A 33 14.55 12.38 -10.05
N LYS A 34 14.61 11.05 -9.95
CA LYS A 34 13.68 10.18 -10.64
C LYS A 34 12.44 9.99 -9.75
N LEU A 35 11.28 10.42 -10.25
CA LEU A 35 10.03 10.32 -9.50
C LEU A 35 9.17 9.19 -10.04
N CYS A 36 8.40 8.56 -9.18
CA CYS A 36 7.58 7.41 -9.58
C CYS A 36 6.13 7.82 -9.61
N LEU A 37 5.38 7.29 -10.59
CA LEU A 37 3.93 7.49 -10.68
C LEU A 37 3.26 6.76 -9.52
N ALA A 38 2.38 7.42 -8.77
CA ALA A 38 1.71 6.76 -7.64
C ALA A 38 0.26 7.22 -7.51
N ALA A 39 -0.50 6.47 -6.70
CA ALA A 39 -1.88 6.77 -6.36
C ALA A 39 -2.23 5.96 -5.13
N GLU A 40 -3.26 6.37 -4.39
CA GLU A 40 -3.74 5.58 -3.28
C GLU A 40 -4.98 4.80 -3.68
N GLY A 41 -6.09 5.51 -3.90
CA GLY A 41 -7.31 4.90 -4.36
C GLY A 41 -8.28 4.55 -3.23
N PHE A 42 -7.89 4.89 -2.00
CA PHE A 42 -8.75 4.75 -0.90
C PHE A 42 -9.18 6.18 -0.62
N GLY A 43 -10.36 6.56 -1.09
CA GLY A 43 -10.84 7.90 -0.78
C GLY A 43 -10.08 9.04 -1.45
N ASN A 44 -9.25 8.68 -2.43
CA ASN A 44 -8.62 9.65 -3.35
CA ASN A 44 -8.66 9.64 -3.36
C ASN A 44 -8.32 8.88 -4.62
N ARG A 45 -8.65 9.42 -5.78
CA ARG A 45 -8.50 8.74 -7.08
C ARG A 45 -7.34 9.29 -7.89
N LEU A 46 -6.90 10.49 -7.58
CA LEU A 46 -5.93 11.20 -8.39
C LEU A 46 -4.50 10.64 -8.23
N CYS A 47 -3.82 10.43 -9.36
CA CYS A 47 -2.43 10.03 -9.33
C CYS A 47 -1.59 11.14 -8.75
N PHE A 48 -0.43 10.79 -8.22
CA PHE A 48 0.58 11.75 -7.79
C PHE A 48 1.97 11.13 -7.99
N LEU A 49 2.99 11.79 -7.44
CA LEU A 49 4.36 11.39 -7.68
C LEU A 49 5.14 11.11 -6.39
N GLU A 50 5.78 9.95 -6.37
CA GLU A 50 6.55 9.47 -5.24
C GLU A 50 8.06 9.38 -5.51
N SER A 51 8.81 10.09 -4.66
CA SER A 51 10.25 10.20 -4.74
C SER A 51 10.94 8.91 -4.30
N THR A 52 12.13 8.65 -4.85
CA THR A 52 12.95 7.49 -4.46
C THR A 52 14.28 7.96 -3.81
N SER A 53 14.25 9.16 -3.23
CA SER A 53 15.45 9.80 -2.69
C SER A 53 15.81 9.35 -1.27
N ASN A 54 17.10 9.44 -0.96
CA ASN A 54 17.64 9.19 0.39
C ASN A 54 17.24 7.85 1.02
N SER A 55 17.09 6.82 0.17
CA SER A 55 16.72 5.46 0.60
C SER A 55 17.68 4.85 1.64
N LYS A 56 18.94 5.28 1.64
CA LYS A 56 19.88 4.90 2.70
C LYS A 56 19.50 5.48 4.06
N ASN A 57 18.44 6.29 4.09
CA ASN A 57 17.95 6.90 5.32
C ASN A 57 16.43 7.03 5.42
N VAL A 58 15.74 6.98 4.27
CA VAL A 58 14.29 7.04 4.21
C VAL A 58 13.72 5.98 3.26
N PRO A 59 12.98 4.99 3.80
CA PRO A 59 12.34 3.96 2.98
C PRO A 59 11.42 4.57 1.97
N PRO A 60 11.51 4.13 0.71
CA PRO A 60 10.57 4.56 -0.32
C PRO A 60 9.28 3.76 -0.23
N ASP A 61 8.17 4.37 -0.64
CA ASP A 61 6.89 3.71 -0.52
C ASP A 61 6.53 3.14 -1.86
N LEU A 62 7.13 2.00 -2.18
CA LEU A 62 6.99 1.43 -3.52
C LEU A 62 5.64 0.83 -3.79
N SER A 63 4.92 0.50 -2.73
CA SER A 63 3.66 -0.22 -2.84
C SER A 63 2.54 0.58 -3.52
N ILE A 64 2.59 1.91 -3.39
CA ILE A 64 1.55 2.76 -4.00
C ILE A 64 1.91 3.10 -5.45
N CYS A 65 3.16 2.84 -5.84
CA CYS A 65 3.67 3.17 -7.16
C CYS A 65 3.63 2.00 -8.11
N THR A 66 3.11 0.86 -7.71
CA THR A 66 3.33 -0.36 -8.50
C THR A 66 2.12 -0.66 -9.39
N PHE A 67 2.37 -0.79 -10.69
CA PHE A 67 1.34 -1.16 -11.64
C PHE A 67 1.61 -2.50 -12.30
N VAL A 68 0.54 -3.24 -12.53
CA VAL A 68 0.56 -4.49 -13.29
C VAL A 68 0.07 -4.25 -14.73
N LEU A 69 0.91 -4.68 -15.68
CA LEU A 69 0.61 -4.62 -17.11
C LEU A 69 -0.44 -5.65 -17.45
N GLU A 70 -1.73 -5.29 -17.35
CA GLU A 70 -2.78 -6.32 -17.44
C GLU A 70 -3.13 -6.81 -18.84
N GLN A 71 -3.12 -5.92 -19.83
CA GLN A 71 -3.45 -6.28 -21.20
C GLN A 71 -2.58 -5.46 -22.13
N SER A 72 -2.47 -5.90 -23.37
CA SER A 72 -1.58 -5.30 -24.34
C SER A 72 -1.97 -5.79 -25.73
N LEU A 73 -2.60 -4.92 -26.52
CA LEU A 73 -3.13 -5.30 -27.83
C LEU A 73 -2.93 -4.28 -28.95
N SER A 74 -3.03 -4.76 -30.19
CA SER A 74 -2.93 -3.92 -31.38
C SER A 74 -4.07 -2.90 -31.43
N VAL A 75 -3.77 -1.73 -31.99
CA VAL A 75 -4.78 -0.68 -32.17
C VAL A 75 -5.69 -0.99 -33.37
N HIS A 110 0.51 -14.99 -21.39
CA HIS A 110 1.24 -13.73 -21.26
C HIS A 110 1.87 -13.32 -22.59
N ARG A 111 1.68 -12.06 -22.96
CA ARG A 111 2.11 -11.51 -24.25
C ARG A 111 3.11 -10.36 -24.07
N THR A 112 4.14 -10.34 -24.91
CA THR A 112 5.18 -9.30 -24.92
C THR A 112 4.63 -7.96 -25.41
N LEU A 113 4.93 -6.89 -24.67
CA LEU A 113 4.57 -5.54 -25.07
C LEU A 113 5.32 -5.12 -26.32
N LEU A 114 4.59 -4.54 -27.25
CA LEU A 114 5.19 -4.03 -28.49
C LEU A 114 4.87 -2.56 -28.60
N TYR A 115 5.79 -1.81 -29.17
CA TYR A 115 5.52 -0.40 -29.46
C TYR A 115 4.32 -0.30 -30.40
N GLY A 116 3.38 0.56 -30.05
CA GLY A 116 2.17 0.77 -30.83
C GLY A 116 0.97 0.09 -30.19
N HIS A 117 1.21 -0.84 -29.27
CA HIS A 117 0.15 -1.52 -28.52
C HIS A 117 -0.56 -0.57 -27.56
N ALA A 118 -1.85 -0.80 -27.32
CA ALA A 118 -2.58 -0.21 -26.20
C ALA A 118 -2.48 -1.10 -24.94
N ILE A 119 -2.14 -0.50 -23.80
CA ILE A 119 -1.99 -1.29 -22.57
C ILE A 119 -2.94 -0.83 -21.46
N LEU A 120 -3.20 -1.73 -20.54
CA LEU A 120 -4.07 -1.50 -19.41
C LEU A 120 -3.22 -1.68 -18.16
N LEU A 121 -3.09 -0.63 -17.35
CA LEU A 121 -2.25 -0.65 -16.14
C LEU A 121 -3.09 -0.76 -14.88
N ARG A 122 -2.98 -1.90 -14.20
CA ARG A 122 -3.68 -2.15 -12.95
C ARG A 122 -2.78 -1.75 -11.77
N HIS A 123 -3.24 -0.76 -11.03
CA HIS A 123 -2.62 -0.32 -9.78
C HIS A 123 -2.73 -1.47 -8.77
N SER A 124 -1.59 -1.97 -8.24
CA SER A 124 -1.59 -3.12 -7.34
C SER A 124 -2.20 -2.77 -5.99
N TYR A 125 -1.88 -1.58 -5.50
CA TYR A 125 -2.33 -1.16 -4.17
C TYR A 125 -3.88 -1.10 -4.07
N SER A 126 -4.56 -0.71 -5.15
CA SER A 126 -6.04 -0.58 -5.13
C SER A 126 -6.84 -1.56 -6.00
N GLY A 127 -6.22 -2.14 -7.03
CA GLY A 127 -7.00 -2.91 -7.99
C GLY A 127 -7.76 -2.05 -9.00
N MET A 128 -7.53 -0.74 -8.95
CA MET A 128 -8.10 0.15 -9.97
C MET A 128 -7.14 0.42 -11.11
N TYR A 129 -7.61 1.13 -12.12
CA TYR A 129 -6.90 1.24 -13.39
C TYR A 129 -6.52 2.66 -13.75
N LEU A 130 -5.28 2.80 -14.20
CA LEU A 130 -4.75 4.09 -14.59
C LEU A 130 -5.61 4.63 -15.71
N CYS A 131 -6.14 5.82 -15.53
CA CYS A 131 -6.94 6.33 -16.62
C CYS A 131 -6.91 7.83 -16.80
N CYS A 132 -7.37 8.27 -17.97
CA CYS A 132 -7.41 9.66 -18.25
C CYS A 132 -8.79 10.11 -17.84
N LEU A 133 -8.86 10.98 -16.83
CA LEU A 133 -10.16 11.38 -16.26
C LEU A 133 -10.70 12.55 -17.06
N SER A 134 -11.97 12.88 -16.90
CA SER A 134 -12.52 13.99 -17.67
C SER A 134 -12.60 15.31 -16.90
N THR A 135 -12.03 15.35 -15.69
CA THR A 135 -11.91 16.60 -14.93
C THR A 135 -10.51 17.20 -15.12
N SER A 136 -10.37 18.46 -14.71
CA SER A 136 -9.05 19.09 -14.47
C SER A 136 -9.08 20.11 -13.33
N LYS A 142 -5.77 24.48 -19.08
CA LYS A 142 -7.10 24.38 -19.66
C LYS A 142 -7.22 23.16 -20.59
N LEU A 143 -6.09 22.74 -21.20
CA LEU A 143 -6.16 21.67 -22.19
C LEU A 143 -5.64 20.34 -21.68
N ALA A 144 -5.35 20.29 -20.38
CA ALA A 144 -4.89 19.09 -19.71
C ALA A 144 -6.05 18.39 -18.97
N PHE A 145 -5.98 17.06 -18.88
CA PHE A 145 -6.93 16.33 -18.04
C PHE A 145 -6.19 15.73 -16.85
N ASP A 146 -6.92 15.49 -15.77
CA ASP A 146 -6.39 14.79 -14.61
C ASP A 146 -6.17 13.32 -14.97
N VAL A 147 -5.19 12.74 -14.31
CA VAL A 147 -4.92 11.32 -14.46
C VAL A 147 -5.14 10.67 -13.11
N GLY A 148 -5.82 9.55 -13.13
CA GLY A 148 -6.13 8.85 -11.90
C GLY A 148 -6.62 7.45 -12.12
N LEU A 149 -7.42 6.97 -11.17
CA LEU A 149 -7.82 5.58 -11.13
C LEU A 149 -9.31 5.50 -11.31
N GLN A 150 -9.77 4.51 -12.07
CA GLN A 150 -11.18 4.12 -12.00
C GLN A 150 -11.36 2.62 -12.11
N GLU A 151 -12.51 2.17 -11.63
CA GLU A 151 -12.86 0.77 -11.57
C GLU A 151 -13.19 0.23 -12.95
N ASP A 152 -13.77 1.08 -13.79
CA ASP A 152 -14.38 0.68 -15.04
C ASP A 152 -13.43 0.73 -16.23
N THR A 153 -13.14 -0.45 -16.79
CA THR A 153 -12.21 -0.56 -17.91
C THR A 153 -12.94 -0.56 -19.27
N THR A 154 -14.25 -0.31 -19.24
CA THR A 154 -15.01 -0.12 -20.46
C THR A 154 -14.76 1.32 -20.95
N GLY A 155 -14.89 1.52 -22.25
CA GLY A 155 -14.51 2.81 -22.84
C GLY A 155 -13.01 2.86 -23.02
N GLU A 156 -12.56 3.95 -23.66
CA GLU A 156 -11.17 4.08 -24.04
C GLU A 156 -10.29 4.71 -22.93
N ALA A 157 -10.92 5.21 -21.87
CA ALA A 157 -10.27 6.06 -20.86
C ALA A 157 -9.10 5.44 -20.10
N CYS A 158 -9.17 4.13 -19.89
CA CYS A 158 -8.15 3.41 -19.15
C CYS A 158 -7.03 2.86 -20.04
N TRP A 159 -7.08 3.16 -21.33
CA TRP A 159 -6.12 2.60 -22.28
C TRP A 159 -5.08 3.63 -22.72
N TRP A 160 -3.86 3.13 -22.90
CA TRP A 160 -2.69 3.95 -23.17
C TRP A 160 -1.88 3.26 -24.26
N THR A 161 -1.53 3.98 -25.33
CA THR A 161 -0.63 3.41 -26.32
C THR A 161 0.80 3.78 -25.99
N ILE A 162 1.71 2.84 -26.25
CA ILE A 162 3.14 2.96 -25.93
C ILE A 162 3.85 3.31 -27.21
N HIS A 163 4.71 4.31 -27.12
CA HIS A 163 5.39 4.84 -28.30
C HIS A 163 6.87 5.02 -28.07
N PRO A 164 7.67 4.91 -29.15
CA PRO A 164 9.11 5.10 -29.05
C PRO A 164 9.45 6.48 -28.50
N ALA A 165 10.40 6.55 -27.58
CA ALA A 165 11.05 7.81 -27.23
C ALA A 165 11.99 8.36 -28.34
N SER A 166 12.63 7.48 -29.12
CA SER A 166 13.53 7.92 -30.21
C SER A 166 13.41 7.05 -31.46
N LYS A 167 14.15 7.41 -32.52
CA LYS A 167 14.17 6.61 -33.75
C LYS A 167 14.78 5.23 -33.49
N GLN A 168 15.39 5.09 -32.31
CA GLN A 168 16.01 3.84 -31.92
C GLN A 168 15.00 2.68 -31.88
N ARG A 169 13.73 3.01 -31.67
CA ARG A 169 12.65 2.03 -31.63
C ARG A 169 11.59 2.34 -32.65
N SER A 170 10.95 1.30 -33.16
CA SER A 170 9.88 1.42 -34.14
C SER A 170 8.64 0.69 -33.69
N GLU A 171 7.50 1.09 -34.23
CA GLU A 171 6.21 0.41 -34.02
C GLU A 171 6.34 -1.08 -34.32
N GLY A 172 5.73 -1.93 -33.49
CA GLY A 172 5.79 -3.39 -33.69
C GLY A 172 7.02 -4.05 -33.10
N GLU A 173 8.00 -3.24 -32.73
CA GLU A 173 9.18 -3.71 -32.03
C GLU A 173 8.86 -4.01 -30.54
N LYS A 174 9.68 -4.86 -29.93
CA LYS A 174 9.51 -5.26 -28.54
C LYS A 174 9.98 -4.15 -27.60
N VAL A 175 9.19 -3.86 -26.58
CA VAL A 175 9.58 -2.86 -25.57
C VAL A 175 10.63 -3.49 -24.64
N ARG A 176 11.83 -2.89 -24.58
CA ARG A 176 12.91 -3.44 -23.74
C ARG A 176 12.85 -2.82 -22.34
N VAL A 177 13.26 -3.59 -21.33
CA VAL A 177 13.33 -3.08 -19.97
C VAL A 177 14.32 -1.89 -19.93
N GLY A 178 13.89 -0.76 -19.39
CA GLY A 178 14.75 0.42 -19.39
C GLY A 178 14.76 1.16 -20.73
N ASP A 179 13.78 0.86 -21.57
CA ASP A 179 13.44 1.75 -22.64
C ASP A 179 12.66 2.89 -22.00
N ASP A 180 12.96 4.09 -22.46
CA ASP A 180 12.16 5.27 -22.17
C ASP A 180 10.97 5.26 -23.13
N LEU A 181 9.77 5.29 -22.54
CA LEU A 181 8.49 5.24 -23.26
C LEU A 181 7.77 6.62 -23.31
N ILE A 182 6.97 6.80 -24.33
CA ILE A 182 5.94 7.82 -24.30
C ILE A 182 4.61 7.09 -24.27
N LEU A 183 3.68 7.58 -23.46
CA LEU A 183 2.38 6.97 -23.25
C LEU A 183 1.28 7.93 -23.69
N VAL A 184 0.42 7.47 -24.60
CA VAL A 184 -0.66 8.33 -25.11
C VAL A 184 -2.02 7.80 -24.71
N SER A 185 -2.85 8.66 -24.14
CA SER A 185 -4.22 8.32 -23.85
C SER A 185 -5.03 8.04 -25.12
N VAL A 186 -5.60 6.83 -25.23
CA VAL A 186 -6.52 6.54 -26.33
C VAL A 186 -7.78 7.45 -26.29
N SER A 187 -8.36 7.70 -25.11
CA SER A 187 -9.57 8.52 -25.09
C SER A 187 -9.32 9.99 -25.46
N SER A 188 -8.23 10.58 -24.98
CA SER A 188 -8.04 12.04 -25.11
C SER A 188 -6.89 12.43 -26.04
N GLU A 189 -6.08 11.44 -26.43
CA GLU A 189 -4.95 11.66 -27.34
C GLU A 189 -3.81 12.48 -26.73
N ARG A 190 -3.86 12.67 -25.42
CA ARG A 190 -2.85 13.45 -24.72
C ARG A 190 -1.83 12.51 -24.16
N TYR A 191 -0.65 13.04 -23.91
CA TYR A 191 0.42 12.25 -23.30
C TYR A 191 0.30 12.18 -21.82
N LEU A 192 0.75 11.07 -21.25
CA LEU A 192 0.99 11.01 -19.81
C LEU A 192 2.15 11.95 -19.55
N HIS A 193 1.90 12.97 -18.73
CA HIS A 193 2.73 14.20 -18.70
C HIS A 193 3.10 14.62 -17.28
N LEU A 194 4.33 15.06 -17.11
CA LEU A 194 4.80 15.61 -15.85
C LEU A 194 4.70 17.13 -15.88
N SER A 195 3.95 17.72 -14.96
CA SER A 195 3.80 19.19 -14.96
C SER A 195 4.21 19.80 -13.63
N TYR A 196 4.58 21.08 -13.69
CA TYR A 196 4.93 21.86 -12.52
C TYR A 196 3.81 22.87 -12.21
N GLY A 197 3.50 23.04 -10.93
CA GLY A 197 2.43 23.97 -10.51
C GLY A 197 2.30 24.12 -9.00
N ASN A 198 2.18 25.36 -8.54
CA ASN A 198 2.18 25.67 -7.10
C ASN A 198 3.25 24.89 -6.33
N SER A 199 4.52 25.15 -6.70
CA SER A 199 5.71 24.65 -6.00
C SER A 199 5.82 23.11 -5.84
N SER A 200 5.21 22.36 -6.76
CA SER A 200 5.24 20.89 -6.73
CA SER A 200 5.23 20.90 -6.73
C SER A 200 5.07 20.29 -8.13
N TRP A 201 5.42 19.01 -8.25
CA TRP A 201 5.23 18.28 -9.50
C TRP A 201 3.99 17.41 -9.44
N HIS A 202 3.22 17.44 -10.53
CA HIS A 202 1.95 16.70 -10.66
C HIS A 202 2.00 15.87 -11.96
N VAL A 203 1.10 14.92 -12.08
CA VAL A 203 0.95 14.15 -13.29
C VAL A 203 -0.40 14.50 -13.89
N ASP A 204 -0.43 14.71 -15.21
CA ASP A 204 -1.70 14.96 -15.90
C ASP A 204 -1.64 14.39 -17.33
N ALA A 205 -2.72 14.56 -18.11
CA ALA A 205 -2.70 14.19 -19.51
C ALA A 205 -2.73 15.46 -20.35
N ALA A 206 -1.67 15.68 -21.14
CA ALA A 206 -1.50 16.93 -21.84
C ALA A 206 -0.84 16.73 -23.20
N PHE A 207 -0.94 17.73 -24.07
CA PHE A 207 -0.28 17.67 -25.38
C PHE A 207 1.22 18.01 -25.38
N GLN A 208 1.87 17.96 -24.24
CA GLN A 208 3.33 18.02 -24.16
C GLN A 208 3.86 16.66 -23.67
N GLN A 209 4.98 16.23 -24.23
CA GLN A 209 5.54 14.92 -23.97
C GLN A 209 6.28 14.87 -22.64
N THR A 210 6.20 13.72 -21.99
CA THR A 210 7.11 13.32 -20.93
C THR A 210 7.59 11.91 -21.25
N LEU A 211 8.91 11.73 -21.18
CA LEU A 211 9.53 10.42 -21.26
C LEU A 211 9.42 9.66 -19.93
N TRP A 212 8.88 8.44 -20.01
CA TRP A 212 8.76 7.58 -18.83
C TRP A 212 9.66 6.36 -18.99
N SER A 213 10.46 6.07 -17.99
CA SER A 213 11.16 4.80 -17.97
C SER A 213 10.32 3.80 -17.19
N VAL A 214 10.42 2.55 -17.61
CA VAL A 214 9.73 1.46 -16.95
C VAL A 214 10.80 0.64 -16.28
N ALA A 215 10.73 0.61 -14.95
CA ALA A 215 11.56 -0.25 -14.11
C ALA A 215 10.76 -1.50 -13.77
N PRO A 216 11.36 -2.69 -14.02
CA PRO A 216 10.62 -3.92 -13.74
C PRO A 216 10.62 -4.21 -12.23
N ILE A 217 9.45 -4.53 -11.68
CA ILE A 217 9.32 -4.87 -10.26
C ILE A 217 9.30 -6.37 -10.05
N SER A 218 8.29 -7.01 -10.63
CA SER A 218 8.13 -8.43 -10.54
C SER A 218 7.65 -8.94 -11.89
N SER A 219 7.67 -10.26 -12.06
CA SER A 219 7.23 -10.88 -13.30
C SER A 219 6.39 -12.08 -12.90
N GLY A 220 5.08 -11.87 -12.87
CA GLY A 220 4.14 -12.86 -12.32
C GLY A 220 4.20 -14.17 -13.06
N SER A 221 4.60 -14.09 -14.34
CA SER A 221 4.69 -15.27 -15.19
C SER A 221 5.89 -16.15 -14.87
N GLU A 222 6.73 -15.73 -13.92
CA GLU A 222 7.90 -16.51 -13.54
C GLU A 222 8.06 -16.54 -12.01
N ALA A 223 7.07 -16.00 -11.31
CA ALA A 223 7.01 -16.12 -9.86
C ALA A 223 6.62 -17.56 -9.49
N ALA A 224 7.57 -18.28 -8.88
CA ALA A 224 7.35 -19.65 -8.39
C ALA A 224 6.26 -19.68 -7.32
N GLN A 225 5.29 -20.58 -7.49
CA GLN A 225 4.12 -20.62 -6.61
CA GLN A 225 4.11 -20.63 -6.61
C GLN A 225 4.48 -21.19 -5.23
N GLY A 226 4.15 -20.44 -4.18
CA GLY A 226 4.44 -20.86 -2.80
C GLY A 226 5.72 -20.28 -2.23
N TYR A 227 6.40 -19.44 -2.99
CA TYR A 227 7.64 -18.83 -2.56
C TYR A 227 7.53 -17.35 -2.23
N LEU A 228 8.37 -16.92 -1.29
CA LEU A 228 8.46 -15.54 -0.82
C LEU A 228 8.99 -14.62 -1.93
N ILE A 229 8.27 -13.54 -2.14
CA ILE A 229 8.53 -12.58 -3.18
C ILE A 229 8.63 -11.20 -2.54
N GLY A 230 9.48 -10.32 -3.06
CA GLY A 230 9.58 -8.97 -2.50
C GLY A 230 8.26 -8.23 -2.57
N GLY A 231 7.94 -7.54 -1.47
CA GLY A 231 6.68 -6.79 -1.39
C GLY A 231 5.51 -7.61 -0.84
N ASP A 232 5.74 -8.88 -0.56
CA ASP A 232 4.70 -9.75 0.04
C ASP A 232 4.26 -9.28 1.42
N VAL A 233 2.97 -9.40 1.63
CA VAL A 233 2.36 -9.22 2.95
C VAL A 233 2.18 -10.61 3.52
N LEU A 234 2.70 -10.81 4.73
CA LEU A 234 2.77 -12.11 5.33
C LEU A 234 2.74 -12.00 6.84
N ARG A 235 2.64 -13.16 7.47
CA ARG A 235 2.82 -13.32 8.92
C ARG A 235 4.01 -14.19 9.23
N LEU A 236 4.57 -14.01 10.42
CA LEU A 236 5.77 -14.74 10.86
C LEU A 236 5.45 -15.49 12.13
N LEU A 237 5.52 -16.81 12.05
CA LEU A 237 4.96 -17.72 13.06
C LEU A 237 6.01 -18.62 13.71
N HIS A 238 5.92 -18.77 15.04
CA HIS A 238 6.43 -19.98 15.71
C HIS A 238 5.26 -20.96 15.69
N GLY A 239 5.30 -21.85 14.71
CA GLY A 239 4.20 -22.76 14.44
C GLY A 239 3.91 -23.69 15.60
N HIS A 240 4.97 -24.29 16.16
CA HIS A 240 4.85 -25.13 17.36
C HIS A 240 4.18 -24.40 18.55
N MET A 241 4.43 -23.09 18.65
CA MET A 241 3.85 -22.29 19.72
C MET A 241 2.53 -21.66 19.35
N ASP A 242 2.12 -21.80 18.08
CA ASP A 242 0.94 -21.12 17.52
C ASP A 242 0.97 -19.65 17.90
N GLU A 243 2.13 -19.02 17.70
CA GLU A 243 2.30 -17.60 17.99
C GLU A 243 2.81 -16.87 16.76
N CYS A 244 2.44 -15.60 16.62
CA CYS A 244 2.98 -14.84 15.51
C CYS A 244 3.56 -13.52 15.98
N LEU A 245 4.37 -12.92 15.13
CA LEU A 245 4.98 -11.65 15.45
C LEU A 245 3.95 -10.55 15.22
N THR A 246 3.80 -9.71 16.23
CA THR A 246 2.76 -8.72 16.18
C THR A 246 3.08 -7.55 17.11
N VAL A 247 2.11 -6.65 17.27
CA VAL A 247 2.24 -5.47 18.12
C VAL A 247 0.97 -5.43 18.96
N PRO A 248 0.96 -4.59 20.04
CA PRO A 248 -0.23 -4.51 20.91
C PRO A 248 -1.49 -4.14 20.13
N SER A 249 -2.64 -4.47 20.69
CA SER A 249 -3.91 -4.31 20.01
C SER A 249 -4.32 -2.86 19.81
N GLY A 250 -5.26 -2.67 18.89
CA GLY A 250 -5.83 -1.35 18.55
C GLY A 250 -6.61 -0.59 19.61
N GLU A 251 -6.65 -1.09 20.83
CA GLU A 251 -7.23 -0.33 21.95
C GLU A 251 -6.13 0.40 22.74
N HIS A 252 -4.91 0.36 22.20
CA HIS A 252 -3.78 1.13 22.71
C HIS A 252 -3.51 2.29 21.74
N GLY A 253 -2.91 3.37 22.25
CA GLY A 253 -2.53 4.53 21.42
C GLY A 253 -1.29 4.30 20.55
N GLU A 254 -1.07 5.20 19.59
CA GLU A 254 0.05 5.14 18.62
C GLU A 254 1.41 4.78 19.25
N GLU A 255 1.82 5.53 20.27
CA GLU A 255 3.12 5.31 20.94
C GLU A 255 3.13 4.01 21.73
N GLN A 256 1.96 3.54 22.14
CA GLN A 256 1.82 2.26 22.84
C GLN A 256 1.89 1.08 21.86
N ARG A 257 1.67 1.36 20.57
CA ARG A 257 1.60 0.31 19.52
C ARG A 257 2.93 0.07 18.79
N ARG A 258 4.02 0.61 19.33
CA ARG A 258 5.35 0.54 18.73
C ARG A 258 6.17 -0.68 19.13
N THR A 259 5.81 -1.31 20.25
CA THR A 259 6.55 -2.46 20.76
C THR A 259 6.12 -3.72 20.04
N VAL A 260 7.02 -4.68 19.95
CA VAL A 260 6.82 -5.89 19.17
C VAL A 260 6.96 -7.12 20.08
N HIS A 261 6.06 -8.07 19.89
CA HIS A 261 6.07 -9.30 20.66
C HIS A 261 5.44 -10.41 19.84
N TYR A 262 5.45 -11.60 20.41
CA TYR A 262 4.82 -12.79 19.84
C TYR A 262 3.57 -13.07 20.66
N GLU A 263 2.52 -13.50 19.97
CA GLU A 263 1.22 -13.73 20.61
C GLU A 263 0.50 -14.85 19.88
N GLY A 264 -0.09 -15.74 20.67
CA GLY A 264 -0.86 -16.87 20.15
C GLY A 264 -2.32 -16.51 20.14
N GLY A 265 -3.17 -17.45 19.76
CA GLY A 265 -4.58 -17.20 19.65
C GLY A 265 -4.93 -16.39 18.41
N ALA A 266 -5.99 -15.60 18.54
CA ALA A 266 -6.72 -15.08 17.42
C ALA A 266 -6.00 -14.01 16.57
N VAL A 267 -4.94 -13.39 17.11
CA VAL A 267 -4.22 -12.43 16.32
C VAL A 267 -3.74 -12.98 15.00
N SER A 268 -3.63 -14.30 14.87
CA SER A 268 -3.04 -14.86 13.66
C SER A 268 -4.01 -14.68 12.48
N VAL A 269 -5.28 -14.36 12.77
CA VAL A 269 -6.20 -13.95 11.71
C VAL A 269 -6.62 -12.47 11.78
N HIS A 270 -5.84 -11.65 12.50
CA HIS A 270 -6.21 -10.25 12.62
C HIS A 270 -5.28 -9.39 11.82
N ALA A 271 -5.65 -8.13 11.62
CA ALA A 271 -4.81 -7.29 10.80
C ALA A 271 -3.45 -6.98 11.43
N ARG A 272 -3.37 -6.79 12.75
CA ARG A 272 -2.11 -6.35 13.38
C ARG A 272 -0.95 -7.34 13.32
N SER A 273 -1.19 -8.57 12.86
CA SER A 273 -0.07 -9.47 12.70
C SER A 273 0.50 -9.51 11.27
N LEU A 274 0.09 -8.57 10.41
CA LEU A 274 0.54 -8.58 9.03
C LEU A 274 1.73 -7.67 8.83
N TRP A 275 2.71 -8.13 8.07
CA TRP A 275 3.88 -7.35 7.78
C TRP A 275 4.12 -7.36 6.29
N ARG A 276 4.66 -6.29 5.74
CA ARG A 276 5.07 -6.31 4.34
CA ARG A 276 5.06 -6.30 4.35
C ARG A 276 6.59 -6.39 4.27
N LEU A 277 7.09 -7.28 3.43
CA LEU A 277 8.54 -7.40 3.29
C LEU A 277 8.98 -6.52 2.11
N GLU A 278 9.79 -5.49 2.38
CA GLU A 278 10.23 -4.56 1.32
C GLU A 278 11.74 -4.60 1.13
N THR A 279 12.16 -5.01 -0.04
CA THR A 279 13.58 -5.13 -0.34
C THR A 279 14.22 -3.75 -0.44
N LEU A 280 15.54 -3.71 -0.49
CA LEU A 280 16.23 -2.43 -0.54
C LEU A 280 16.33 -1.84 -1.95
N ARG A 281 16.23 -2.69 -2.98
CA ARG A 281 16.32 -2.26 -4.37
C ARG A 281 14.95 -1.86 -4.94
N VAL A 282 14.97 -1.01 -5.97
CA VAL A 282 13.73 -0.62 -6.67
C VAL A 282 13.45 -1.61 -7.80
N ALA A 283 14.34 -1.60 -8.82
CA ALA A 283 14.25 -2.62 -9.86
C ALA A 283 14.31 -3.99 -9.18
N TRP A 284 13.32 -4.85 -9.50
CA TRP A 284 13.25 -6.21 -8.97
C TRP A 284 12.98 -6.33 -7.45
N SER A 285 12.20 -5.37 -6.98
CA SER A 285 11.59 -5.34 -5.65
C SER A 285 10.59 -6.46 -5.44
N GLY A 286 10.17 -7.12 -6.52
CA GLY A 286 9.22 -8.22 -6.41
C GLY A 286 9.85 -9.50 -6.94
N SER A 287 11.17 -9.57 -6.89
CA SER A 287 11.84 -10.82 -7.21
C SER A 287 11.79 -11.77 -5.99
N HIS A 288 12.21 -13.01 -6.20
CA HIS A 288 12.20 -14.01 -5.14
C HIS A 288 13.16 -13.55 -4.08
N ILE A 289 12.77 -13.70 -2.82
CA ILE A 289 13.69 -13.41 -1.74
C ILE A 289 14.67 -14.58 -1.54
N ARG A 290 15.95 -14.26 -1.49
CA ARG A 290 16.97 -15.28 -1.33
C ARG A 290 17.53 -15.17 0.08
N TRP A 291 18.15 -16.23 0.57
CA TRP A 291 18.74 -16.20 1.90
C TRP A 291 19.80 -15.12 1.96
N GLY A 292 19.80 -14.34 3.04
CA GLY A 292 20.84 -13.33 3.24
C GLY A 292 20.60 -12.01 2.55
N GLN A 293 19.55 -11.93 1.73
CA GLN A 293 19.18 -10.69 1.05
C GLN A 293 18.51 -9.70 2.01
N PRO A 294 19.01 -8.44 2.06
CA PRO A 294 18.51 -7.48 3.05
C PRO A 294 17.11 -6.98 2.76
N PHE A 295 16.35 -6.66 3.80
CA PHE A 295 15.01 -6.11 3.59
C PHE A 295 14.53 -5.38 4.83
N ARG A 296 13.47 -4.61 4.64
CA ARG A 296 12.78 -4.00 5.73
C ARG A 296 11.43 -4.71 5.92
N LEU A 297 10.90 -4.63 7.14
CA LEU A 297 9.60 -5.19 7.48
C LEU A 297 8.68 -4.08 7.93
N ARG A 298 7.64 -3.85 7.15
CA ARG A 298 6.71 -2.77 7.41
C ARG A 298 5.51 -3.38 8.11
N HIS A 299 5.15 -2.82 9.26
CA HIS A 299 3.95 -3.26 9.93
C HIS A 299 2.73 -2.64 9.22
N VAL A 300 1.88 -3.47 8.62
CA VAL A 300 0.93 -2.89 7.68
C VAL A 300 -0.03 -1.97 8.41
N THR A 301 -0.60 -2.47 9.48
CA THR A 301 -1.74 -1.76 9.92
C THR A 301 -1.42 -0.39 10.53
N THR A 302 -0.19 -0.18 11.00
CA THR A 302 0.22 1.13 11.55
C THR A 302 1.20 1.88 10.63
N GLY A 303 1.68 1.22 9.59
CA GLY A 303 2.62 1.81 8.64
C GLY A 303 4.05 1.97 9.12
N LYS A 304 4.42 1.37 10.25
CA LYS A 304 5.72 1.64 10.82
C LYS A 304 6.72 0.54 10.50
N TYR A 305 8.00 0.86 10.60
CA TYR A 305 9.06 -0.05 10.20
C TYR A 305 9.80 -0.60 11.38
N LEU A 306 9.97 -1.93 11.39
CA LEU A 306 10.71 -2.62 12.45
C LEU A 306 12.15 -2.12 12.50
N SER A 307 12.59 -1.69 13.67
CA SER A 307 13.93 -1.12 13.80
C SER A 307 14.63 -1.50 15.09
N LEU A 308 15.95 -1.58 15.02
CA LEU A 308 16.77 -1.78 16.20
C LEU A 308 17.31 -0.43 16.66
N MET A 309 17.10 -0.12 17.94
CA MET A 309 17.71 1.07 18.55
C MET A 309 19.15 0.76 18.94
N LYS A 312 19.55 -1.17 22.35
CA LYS A 312 19.58 -2.50 21.76
C LYS A 312 18.20 -3.17 21.63
N ASN A 313 17.13 -2.44 21.95
CA ASN A 313 15.74 -2.94 21.84
C ASN A 313 15.11 -2.76 20.45
N LEU A 314 14.11 -3.59 20.15
CA LEU A 314 13.32 -3.46 18.92
C LEU A 314 12.15 -2.51 19.12
N LEU A 315 11.92 -1.67 18.12
CA LEU A 315 10.90 -0.65 18.19
C LEU A 315 10.49 -0.28 16.77
N LEU A 316 9.18 -0.03 16.58
CA LEU A 316 8.67 0.39 15.29
C LEU A 316 8.87 1.90 15.13
N MET A 317 9.40 2.30 13.97
CA MET A 317 9.71 3.69 13.71
C MET A 317 8.98 4.23 12.46
N ASP A 318 8.60 5.52 12.52
CA ASP A 318 8.08 6.25 11.39
C ASP A 318 8.99 6.11 10.15
N LYS A 319 8.38 6.10 8.97
CA LYS A 319 9.10 6.19 7.69
C LYS A 319 10.36 7.06 7.79
N GLU A 320 10.17 8.31 8.21
CA GLU A 320 11.22 9.33 8.18
C GLU A 320 12.43 9.04 9.06
N LYS A 321 12.26 8.16 10.05
CA LYS A 321 13.36 7.78 10.94
C LYS A 321 14.02 6.43 10.58
N ALA A 322 13.46 5.73 9.59
CA ALA A 322 13.80 4.35 9.29
C ALA A 322 15.04 4.10 8.41
N ASP A 323 16.21 4.49 8.87
CA ASP A 323 17.47 4.31 8.11
C ASP A 323 17.87 2.82 7.94
N VAL A 324 18.69 2.54 6.93
CA VAL A 324 19.10 1.18 6.56
C VAL A 324 19.76 0.38 7.68
N LYS A 325 20.71 0.99 8.38
CA LYS A 325 21.50 0.28 9.41
C LYS A 325 20.62 -0.27 10.54
N SER A 326 19.58 0.49 10.87
CA SER A 326 18.72 0.13 11.99
C SER A 326 17.49 -0.69 11.60
N THR A 327 17.17 -0.75 10.30
CA THR A 327 15.92 -1.37 9.85
C THR A 327 16.08 -2.54 8.86
N ALA A 328 17.31 -2.80 8.42
CA ALA A 328 17.57 -3.89 7.47
C ALA A 328 17.77 -5.24 8.15
N PHE A 329 16.98 -6.23 7.75
CA PHE A 329 17.09 -7.57 8.28
C PHE A 329 17.24 -8.52 7.11
N ALA A 330 17.56 -9.79 7.39
CA ALA A 330 17.66 -10.81 6.38
C ALA A 330 17.18 -12.17 6.91
N PHE A 331 16.70 -13.03 6.01
CA PHE A 331 16.40 -14.41 6.38
C PHE A 331 17.63 -15.30 6.20
N ARG A 332 17.86 -16.18 7.18
CA ARG A 332 18.89 -17.22 7.07
C ARG A 332 18.28 -18.58 7.35
N SER A 333 18.80 -19.64 6.72
CA SER A 333 18.23 -20.99 6.82
C SER A 333 18.69 -21.74 8.07
N SER A 334 19.76 -21.24 8.68
CA SER A 334 20.17 -21.67 10.00
C SER A 334 20.93 -20.52 10.65
N LYS A 335 21.39 -20.72 11.88
CA LYS A 335 22.23 -19.76 12.56
C LYS A 335 23.73 -20.07 12.46
N GLU A 336 24.08 -21.06 11.64
CA GLU A 336 25.47 -21.47 11.44
C GLU A 336 26.41 -20.30 11.12
N LYS A 337 27.57 -20.28 11.78
CA LYS A 337 28.62 -19.27 11.56
C LYS A 337 28.93 -19.04 10.08
N VAL A 346 21.53 -9.92 -7.85
CA VAL A 346 21.49 -9.97 -9.32
C VAL A 346 20.16 -9.39 -9.86
N ASP A 347 20.03 -9.38 -11.18
CA ASP A 347 18.85 -8.77 -11.85
C ASP A 347 17.91 -9.83 -12.47
N GLY A 348 16.58 -9.62 -12.34
CA GLY A 348 15.57 -10.60 -12.80
C GLY A 348 14.87 -11.16 -11.56
N MET A 349 13.99 -12.19 -11.74
CA MET A 349 13.23 -12.79 -10.61
C MET A 349 14.12 -13.59 -9.65
N GLY A 350 15.24 -14.09 -10.17
CA GLY A 350 16.17 -14.90 -9.39
C GLY A 350 15.67 -16.29 -9.05
N THR A 351 16.50 -17.07 -8.38
CA THR A 351 16.11 -18.41 -7.94
C THR A 351 15.27 -18.31 -6.67
N SER A 352 14.15 -19.03 -6.66
CA SER A 352 13.25 -19.09 -5.50
C SER A 352 13.90 -19.95 -4.42
N GLU A 353 13.84 -19.49 -3.18
CA GLU A 353 14.63 -20.13 -2.13
C GLU A 353 13.88 -20.30 -0.82
N ILE A 354 12.93 -19.41 -0.55
CA ILE A 354 12.24 -19.42 0.71
C ILE A 354 10.77 -19.76 0.49
N LYS A 355 10.36 -20.90 1.03
CA LYS A 355 9.04 -21.45 0.74
C LYS A 355 8.08 -21.22 1.91
N TYR A 356 6.89 -20.70 1.58
CA TYR A 356 5.84 -20.51 2.57
C TYR A 356 5.44 -21.87 3.16
N GLY A 357 5.25 -21.89 4.48
CA GLY A 357 4.84 -23.08 5.19
C GLY A 357 5.97 -24.05 5.49
N ASP A 358 6.88 -24.23 4.53
CA ASP A 358 7.97 -25.21 4.66
C ASP A 358 9.26 -24.68 5.27
N SER A 359 9.77 -23.55 4.78
CA SER A 359 11.08 -23.09 5.22
C SER A 359 11.04 -22.68 6.68
N ILE A 360 12.06 -23.10 7.44
CA ILE A 360 12.27 -22.55 8.76
C ILE A 360 13.18 -21.39 8.56
N CYS A 361 12.80 -20.23 9.05
CA CYS A 361 13.56 -19.03 8.74
C CYS A 361 14.04 -18.37 10.01
N TYR A 362 15.29 -17.91 9.98
CA TYR A 362 15.84 -17.14 11.07
C TYR A 362 16.07 -15.71 10.66
N ILE A 363 15.52 -14.78 11.43
CA ILE A 363 15.72 -13.39 11.12
C ILE A 363 16.94 -12.87 11.83
N GLN A 364 17.79 -12.21 11.03
CA GLN A 364 19.05 -11.63 11.47
C GLN A 364 19.04 -10.12 11.17
N HIS A 365 19.52 -9.33 12.11
CA HIS A 365 19.72 -7.90 11.86
C HIS A 365 21.08 -7.76 11.16
N VAL A 366 21.12 -6.98 10.08
CA VAL A 366 22.27 -7.01 9.16
C VAL A 366 23.53 -6.33 9.72
N ASP A 367 23.41 -5.06 10.12
CA ASP A 367 24.56 -4.34 10.64
C ASP A 367 25.12 -4.94 11.94
N THR A 368 24.29 -5.58 12.76
CA THR A 368 24.80 -6.15 14.02
C THR A 368 25.04 -7.66 13.99
N GLY A 369 24.36 -8.37 13.09
CA GLY A 369 24.44 -9.83 13.07
C GLY A 369 23.55 -10.51 14.09
N LEU A 370 22.86 -9.72 14.92
CA LEU A 370 22.04 -10.25 16.01
C LEU A 370 20.79 -10.96 15.49
N TRP A 371 20.29 -11.91 16.28
CA TRP A 371 19.17 -12.74 15.86
C TRP A 371 17.89 -12.25 16.47
N LEU A 372 16.83 -12.26 15.66
CA LEU A 372 15.50 -11.93 16.13
C LEU A 372 15.01 -13.13 16.91
N THR A 373 14.61 -12.91 18.15
CA THR A 373 14.32 -14.02 19.04
C THR A 373 13.28 -13.52 20.03
N TYR A 374 12.98 -14.32 21.04
CA TYR A 374 11.98 -13.99 22.04
C TYR A 374 12.55 -14.02 23.44
N GLN A 375 11.85 -13.35 24.34
CA GLN A 375 12.23 -13.36 25.72
C GLN A 375 11.23 -14.24 26.43
N ALA A 376 11.73 -15.35 26.98
CA ALA A 376 10.89 -16.34 27.68
C ALA A 376 10.12 -15.61 28.76
N VAL A 377 8.90 -16.06 29.01
CA VAL A 377 8.15 -15.43 30.08
C VAL A 377 8.74 -15.81 31.44
N ASP A 378 9.05 -14.77 32.22
CA ASP A 378 9.50 -14.94 33.59
C ASP A 378 8.39 -15.47 34.49
N VAL A 379 8.77 -16.00 35.64
CA VAL A 379 7.83 -16.56 36.59
C VAL A 379 6.92 -15.48 37.18
N SER A 386 2.47 -10.06 32.30
CA SER A 386 3.59 -10.28 31.38
C SER A 386 3.33 -11.38 30.35
N ILE A 387 2.07 -11.84 30.26
CA ILE A 387 1.66 -13.01 29.46
C ILE A 387 2.50 -13.39 28.22
N GLN A 388 2.77 -12.41 27.35
CA GLN A 388 3.24 -12.67 25.99
C GLN A 388 4.75 -12.54 25.87
N ARG A 389 5.32 -13.26 24.92
CA ARG A 389 6.77 -13.28 24.78
C ARG A 389 7.27 -12.10 23.93
N LYS A 390 7.96 -11.16 24.56
CA LYS A 390 8.51 -9.98 23.92
C LYS A 390 9.54 -10.38 22.85
N ALA A 391 9.52 -9.67 21.72
CA ALA A 391 10.53 -9.87 20.67
C ALA A 391 11.78 -9.10 21.04
N ILE A 392 12.93 -9.77 20.93
CA ILE A 392 14.21 -9.18 21.28
C ILE A 392 15.30 -9.61 20.31
N MET A 393 16.44 -8.94 20.40
CA MET A 393 17.58 -9.25 19.54
C MET A 393 18.68 -9.80 20.41
N HIS A 394 19.29 -10.89 19.97
CA HIS A 394 20.35 -11.54 20.74
C HIS A 394 21.29 -12.35 19.86
N HIS A 395 22.56 -12.50 20.29
CA HIS A 395 23.58 -13.19 19.50
C HIS A 395 23.44 -14.71 19.46
N GLU A 396 22.63 -15.28 20.37
CA GLU A 396 22.39 -16.73 20.38
C GLU A 396 20.94 -17.05 20.08
N GLY A 397 20.04 -16.45 20.84
CA GLY A 397 18.62 -16.74 20.69
C GLY A 397 18.27 -18.11 21.23
N HIS A 398 17.24 -18.72 20.65
CA HIS A 398 16.69 -19.97 21.18
C HIS A 398 16.68 -20.99 20.06
N MET A 399 16.81 -22.26 20.44
CA MET A 399 16.79 -23.38 19.49
C MET A 399 15.47 -23.49 18.72
N ASP A 400 14.42 -22.86 19.21
CA ASP A 400 13.14 -22.91 18.52
C ASP A 400 12.69 -21.50 18.05
N ASP A 401 13.65 -20.75 17.54
CA ASP A 401 13.50 -19.40 17.02
C ASP A 401 12.90 -19.43 15.64
N GLY A 402 12.94 -20.61 15.03
CA GLY A 402 12.60 -20.82 13.64
C GLY A 402 11.23 -20.29 13.32
N LEU A 403 11.20 -19.35 12.37
CA LEU A 403 9.94 -18.83 11.91
C LEU A 403 9.48 -19.62 10.72
N ASN A 404 8.19 -19.81 10.73
CA ASN A 404 7.42 -20.33 9.65
C ASN A 404 6.71 -19.10 9.02
N LEU A 405 6.93 -18.85 7.73
CA LEU A 405 6.26 -17.79 7.00
C LEU A 405 4.94 -18.25 6.40
N SER A 406 3.96 -17.36 6.54
CA SER A 406 2.63 -17.58 6.02
C SER A 406 2.09 -16.39 5.21
N ARG A 407 1.70 -16.65 3.96
CA ARG A 407 1.25 -15.61 3.06
C ARG A 407 -0.16 -15.10 3.35
N SER A 408 -0.30 -13.78 3.44
CA SER A 408 -1.60 -13.12 3.65
C SER A 408 -2.53 -13.37 2.46
N GLN A 409 -3.79 -13.67 2.73
CA GLN A 409 -4.82 -13.64 1.69
C GLN A 409 -4.99 -12.21 1.11
N HIS A 410 -5.42 -12.12 -0.14
CA HIS A 410 -5.56 -10.81 -0.77
C HIS A 410 -6.60 -9.95 -0.06
N GLU A 411 -7.72 -10.56 0.35
CA GLU A 411 -8.76 -9.87 1.09
C GLU A 411 -8.26 -9.22 2.38
N GLU A 412 -7.61 -10.01 3.25
CA GLU A 412 -7.19 -9.50 4.57
C GLU A 412 -6.07 -8.51 4.35
N SER A 413 -5.29 -8.76 3.32
CA SER A 413 -4.24 -7.83 2.99
C SER A 413 -4.77 -6.45 2.58
N ARG A 414 -5.70 -6.44 1.63
CA ARG A 414 -6.35 -5.22 1.23
C ARG A 414 -7.07 -4.52 2.41
N THR A 415 -7.78 -5.30 3.22
CA THR A 415 -8.51 -4.71 4.35
C THR A 415 -7.55 -4.03 5.34
N ALA A 416 -6.39 -4.66 5.60
CA ALA A 416 -5.39 -4.09 6.46
C ALA A 416 -4.85 -2.75 5.95
N ARG A 417 -4.59 -2.69 4.65
CA ARG A 417 -4.20 -1.43 3.98
C ARG A 417 -5.32 -0.36 4.02
N VAL A 418 -6.54 -0.76 3.74
CA VAL A 418 -7.67 0.15 3.89
C VAL A 418 -7.76 0.75 5.30
N ILE A 419 -7.51 -0.08 6.32
CA ILE A 419 -7.65 0.33 7.70
C ILE A 419 -6.54 1.29 8.01
N GLN A 420 -5.33 0.94 7.62
CA GLN A 420 -4.27 1.88 7.89
C GLN A 420 -4.48 3.26 7.18
N SER A 421 -4.89 3.30 5.93
CA SER A 421 -5.14 4.65 5.38
C SER A 421 -6.39 5.34 6.00
N THR A 422 -7.45 4.60 6.30
CA THR A 422 -8.60 5.17 7.02
C THR A 422 -8.25 5.83 8.38
N VAL A 423 -7.48 5.10 9.20
CA VAL A 423 -7.05 5.56 10.50
C VAL A 423 -6.21 6.82 10.35
N PHE A 424 -5.27 6.81 9.42
CA PHE A 424 -4.46 7.96 9.15
C PHE A 424 -5.33 9.19 8.75
N LEU A 425 -6.31 8.99 7.87
CA LEU A 425 -7.14 10.09 7.43
C LEU A 425 -8.09 10.56 8.56
N PHE A 426 -8.70 9.62 9.26
CA PHE A 426 -9.66 10.00 10.30
C PHE A 426 -8.95 10.71 11.46
N ASN A 427 -7.72 10.30 11.76
CA ASN A 427 -6.87 10.97 12.75
C ASN A 427 -6.55 12.40 12.37
N ARG A 428 -6.26 12.65 11.08
CA ARG A 428 -6.11 14.04 10.62
C ARG A 428 -7.45 14.79 10.78
N PHE A 429 -8.53 14.16 10.37
CA PHE A 429 -9.85 14.77 10.49
C PHE A 429 -10.13 15.20 11.93
N ILE A 430 -9.87 14.30 12.87
CA ILE A 430 -10.11 14.54 14.29
C ILE A 430 -9.23 15.66 14.84
N ARG A 431 -7.96 15.65 14.48
CA ARG A 431 -7.03 16.70 14.88
C ARG A 431 -7.44 18.06 14.33
N GLY A 432 -7.93 18.10 13.09
CA GLY A 432 -8.49 19.31 12.50
C GLY A 432 -9.68 19.86 13.29
N LEU A 433 -10.62 18.98 13.63
CA LEU A 433 -11.78 19.35 14.45
C LEU A 433 -11.39 19.89 15.84
N ASP A 434 -10.44 19.21 16.49
CA ASP A 434 -9.93 19.65 17.78
C ASP A 434 -9.31 21.07 17.70
N ALA A 435 -8.54 21.33 16.64
CA ALA A 435 -7.94 22.66 16.41
C ALA A 435 -9.01 23.73 16.19
N LEU A 436 -10.13 23.37 15.56
CA LEU A 436 -11.23 24.32 15.41
C LEU A 436 -11.81 24.77 16.74
N SER A 437 -11.89 23.86 17.70
CA SER A 437 -12.54 24.18 18.95
C SER A 437 -11.56 24.63 20.05
N LYS A 438 -10.39 25.17 19.65
CA LYS A 438 -9.37 25.58 20.62
C LYS A 438 -8.88 27.01 20.35
N THR A 444 -4.99 28.00 8.66
CA THR A 444 -3.92 27.04 8.36
C THR A 444 -4.20 25.63 8.90
N ILE A 445 -5.46 25.32 9.18
CA ILE A 445 -5.85 24.02 9.73
C ILE A 445 -6.05 23.00 8.60
N ASP A 446 -5.50 21.82 8.80
CA ASP A 446 -5.67 20.72 7.88
C ASP A 446 -6.97 20.01 8.25
N LEU A 447 -8.03 20.24 7.45
CA LEU A 447 -9.33 19.62 7.70
C LEU A 447 -9.82 19.03 6.37
N PRO A 448 -9.47 17.75 6.10
CA PRO A 448 -9.70 17.15 4.77
C PRO A 448 -11.15 16.68 4.55
N ILE A 449 -12.06 17.64 4.44
CA ILE A 449 -13.48 17.35 4.28
C ILE A 449 -13.72 16.49 3.05
N GLU A 450 -13.10 16.85 1.94
CA GLU A 450 -13.35 16.15 0.69
C GLU A 450 -12.88 14.70 0.71
N SER A 451 -11.66 14.44 1.18
CA SER A 451 -11.17 13.07 1.36
C SER A 451 -12.02 12.26 2.35
N VAL A 452 -12.41 12.90 3.45
CA VAL A 452 -13.26 12.21 4.41
C VAL A 452 -14.57 11.73 3.76
N SER A 453 -15.22 12.63 3.02
CA SER A 453 -16.45 12.30 2.32
CA SER A 453 -16.45 12.30 2.27
C SER A 453 -16.25 11.15 1.31
N LEU A 454 -15.21 11.22 0.49
CA LEU A 454 -14.98 10.14 -0.46
C LEU A 454 -14.54 8.85 0.22
N SER A 455 -13.69 8.91 1.25
CA SER A 455 -13.33 7.70 1.99
CA SER A 455 -13.33 7.68 1.97
C SER A 455 -14.58 7.04 2.55
N LEU A 456 -15.47 7.85 3.11
CA LEU A 456 -16.68 7.28 3.73
C LEU A 456 -17.52 6.66 2.66
N GLN A 457 -17.67 7.28 1.48
CA GLN A 457 -18.41 6.59 0.39
C GLN A 457 -17.79 5.24 -0.06
N ASP A 458 -16.46 5.18 -0.18
CA ASP A 458 -15.76 3.95 -0.52
C ASP A 458 -15.90 2.90 0.62
N LEU A 459 -15.79 3.34 1.87
CA LEU A 459 -15.97 2.42 2.99
C LEU A 459 -17.36 1.83 3.04
N ILE A 460 -18.40 2.65 2.89
CA ILE A 460 -19.75 2.13 2.81
C ILE A 460 -19.93 1.15 1.61
N GLY A 461 -19.37 1.45 0.44
CA GLY A 461 -19.30 0.44 -0.63
C GLY A 461 -18.53 -0.84 -0.24
N TYR A 462 -17.43 -0.69 0.49
CA TYR A 462 -16.63 -1.83 0.90
C TYR A 462 -17.47 -2.79 1.75
N PHE A 463 -18.38 -2.24 2.54
CA PHE A 463 -19.25 -3.03 3.38
C PHE A 463 -20.68 -3.28 2.83
N HIS A 464 -20.92 -2.98 1.55
CA HIS A 464 -22.23 -3.21 0.98
C HIS A 464 -22.60 -4.68 1.04
N PRO A 465 -23.81 -4.99 1.54
CA PRO A 465 -24.34 -6.35 1.53
C PRO A 465 -24.59 -6.78 0.09
N PRO A 466 -24.43 -8.08 -0.19
CA PRO A 466 -24.55 -8.61 -1.55
C PRO A 466 -25.94 -8.31 -2.05
N ASP A 467 -26.03 -7.71 -3.23
CA ASP A 467 -27.34 -7.39 -3.82
C ASP A 467 -28.11 -8.69 -3.95
N GLU A 468 -29.39 -8.65 -3.57
CA GLU A 468 -30.20 -9.88 -3.49
C GLU A 468 -30.37 -10.58 -4.83
N HIS A 469 -29.93 -9.92 -5.91
CA HIS A 469 -30.03 -10.47 -7.27
C HIS A 469 -28.89 -11.45 -7.64
N LEU A 470 -27.78 -11.40 -6.91
CA LEU A 470 -26.58 -12.21 -7.24
C LEU A 470 -26.86 -13.72 -7.22
N GLU A 471 -25.98 -14.51 -7.84
CA GLU A 471 -26.06 -15.96 -7.80
C GLU A 471 -25.64 -16.48 -6.43
N HIS A 472 -26.02 -17.72 -6.10
CA HIS A 472 -25.79 -18.30 -4.77
C HIS A 472 -24.34 -18.15 -4.25
N GLU A 473 -23.39 -18.82 -4.88
CA GLU A 473 -21.99 -18.81 -4.42
C GLU A 473 -21.35 -17.43 -4.48
N ASP A 474 -21.74 -16.63 -5.48
CA ASP A 474 -21.35 -15.22 -5.57
C ASP A 474 -21.84 -14.41 -4.35
N LYS A 475 -23.00 -14.80 -3.82
CA LYS A 475 -23.58 -14.15 -2.66
C LYS A 475 -22.87 -14.64 -1.39
N GLN A 476 -22.69 -15.95 -1.30
CA GLN A 476 -22.02 -16.56 -0.15
C GLN A 476 -20.58 -16.10 0.01
N ASN A 477 -19.89 -15.87 -1.11
CA ASN A 477 -18.51 -15.41 -1.06
C ASN A 477 -18.40 -13.97 -0.62
N ARG A 478 -19.36 -13.15 -1.04
CA ARG A 478 -19.39 -11.75 -0.64
C ARG A 478 -19.73 -11.65 0.86
N LEU A 479 -20.64 -12.50 1.30
CA LEU A 479 -21.05 -12.59 2.70
C LEU A 479 -19.88 -13.02 3.60
N ARG A 480 -19.14 -14.05 3.18
CA ARG A 480 -17.92 -14.46 3.88
C ARG A 480 -16.88 -13.34 3.94
N ALA A 481 -16.63 -12.71 2.80
CA ALA A 481 -15.71 -11.57 2.72
C ALA A 481 -16.15 -10.42 3.64
N LEU A 482 -17.46 -10.18 3.72
CA LEU A 482 -17.99 -9.10 4.55
C LEU A 482 -17.73 -9.33 6.05
N LYS A 483 -17.97 -10.55 6.51
CA LYS A 483 -17.69 -10.92 7.91
C LYS A 483 -16.20 -10.71 8.25
N ASN A 484 -15.31 -11.18 7.37
CA ASN A 484 -13.88 -10.91 7.54
C ASN A 484 -13.56 -9.42 7.64
N ARG A 485 -14.10 -8.60 6.72
CA ARG A 485 -13.84 -7.17 6.77
C ARG A 485 -14.35 -6.58 8.08
N GLN A 486 -15.55 -6.98 8.50
CA GLN A 486 -16.13 -6.47 9.74
C GLN A 486 -15.23 -6.84 10.95
N ASN A 487 -14.85 -8.12 11.04
N ASN A 487 -14.85 -8.12 11.03
CA ASN A 487 -13.96 -8.60 12.12
CA ASN A 487 -13.98 -8.60 12.09
C ASN A 487 -12.65 -7.80 12.17
C ASN A 487 -12.64 -7.84 12.18
N LEU A 488 -11.97 -7.68 11.03
CA LEU A 488 -10.71 -6.96 10.96
C LEU A 488 -10.82 -5.49 11.38
N PHE A 489 -11.83 -4.77 10.85
CA PHE A 489 -12.14 -3.43 11.32
C PHE A 489 -12.41 -3.38 12.79
N GLN A 490 -13.29 -4.25 13.29
CA GLN A 490 -13.64 -4.24 14.71
C GLN A 490 -12.39 -4.43 15.59
N GLU A 491 -11.59 -5.44 15.26
CA GLU A 491 -10.40 -5.74 16.02
C GLU A 491 -9.37 -4.63 15.99
N GLU A 492 -9.40 -3.79 14.94
CA GLU A 492 -8.51 -2.63 14.93
C GLU A 492 -9.11 -1.37 15.62
N GLY A 493 -10.26 -1.48 16.30
CA GLY A 493 -10.79 -0.33 17.00
C GLY A 493 -11.48 0.70 16.13
N MET A 494 -11.93 0.29 14.94
CA MET A 494 -12.57 1.21 13.99
C MET A 494 -13.95 1.72 14.50
N ILE A 495 -14.66 0.90 15.25
CA ILE A 495 -15.93 1.38 15.76
C ILE A 495 -15.71 2.62 16.64
N ASN A 496 -14.74 2.58 17.55
CA ASN A 496 -14.44 3.72 18.43
C ASN A 496 -13.89 4.91 17.70
N LEU A 497 -13.12 4.66 16.64
CA LEU A 497 -12.65 5.72 15.77
C LEU A 497 -13.85 6.47 15.10
N VAL A 498 -14.77 5.72 14.50
CA VAL A 498 -15.97 6.27 13.89
C VAL A 498 -16.77 7.03 14.95
N LEU A 499 -16.89 6.45 16.14
CA LEU A 499 -17.62 7.13 17.22
C LEU A 499 -16.96 8.45 17.62
N GLU A 500 -15.63 8.48 17.62
CA GLU A 500 -14.91 9.73 17.94
C GLU A 500 -15.13 10.82 16.88
N CYS A 501 -15.20 10.46 15.59
CA CYS A 501 -15.53 11.43 14.55
C CYS A 501 -16.94 11.95 14.74
N ILE A 502 -17.88 11.07 15.09
CA ILE A 502 -19.26 11.52 15.29
C ILE A 502 -19.32 12.53 16.46
N ASP A 503 -18.66 12.22 17.56
CA ASP A 503 -18.68 13.07 18.73
C ASP A 503 -18.15 14.46 18.44
N ARG A 504 -17.10 14.58 17.64
CA ARG A 504 -16.51 15.87 17.31
C ARG A 504 -17.42 16.65 16.38
N LEU A 505 -18.04 15.97 15.41
CA LEU A 505 -18.97 16.70 14.58
C LEU A 505 -20.20 17.14 15.37
N HIS A 506 -20.62 16.35 16.37
CA HIS A 506 -21.82 16.68 17.20
C HIS A 506 -21.60 17.84 18.14
N VAL A 507 -20.38 18.34 18.23
CA VAL A 507 -20.15 19.56 18.98
C VAL A 507 -20.92 20.74 18.35
N TYR A 508 -21.22 20.64 17.04
CA TYR A 508 -21.94 21.70 16.34
C TYR A 508 -23.44 21.47 16.32
N SER A 509 -24.17 22.56 16.53
CA SER A 509 -25.64 22.57 16.57
C SER A 509 -26.28 22.34 15.21
N SER A 510 -25.56 22.66 14.14
CA SER A 510 -26.14 22.68 12.79
C SER A 510 -25.02 22.84 11.78
N ALA A 511 -25.35 22.59 10.51
CA ALA A 511 -24.44 22.81 9.38
C ALA A 511 -23.98 24.26 9.35
N ALA A 512 -24.90 25.20 9.59
CA ALA A 512 -24.54 26.62 9.60
C ALA A 512 -23.54 26.96 10.70
N HIS A 513 -23.71 26.39 11.91
CA HIS A 513 -22.77 26.56 13.03
CA HIS A 513 -22.76 26.61 13.00
C HIS A 513 -21.38 26.07 12.62
N PHE A 514 -21.34 24.89 12.00
CA PHE A 514 -20.08 24.30 11.56
C PHE A 514 -19.44 25.18 10.47
N ALA A 515 -20.24 25.63 9.50
CA ALA A 515 -19.76 26.49 8.42
C ALA A 515 -19.18 27.80 8.95
N ASP A 516 -19.84 28.37 9.95
CA ASP A 516 -19.37 29.64 10.53
C ASP A 516 -17.94 29.48 11.04
N VAL A 517 -17.62 28.27 11.48
CA VAL A 517 -16.32 27.99 12.09
C VAL A 517 -15.32 27.37 11.08
N ALA A 518 -15.78 26.43 10.24
CA ALA A 518 -14.89 25.67 9.35
C ALA A 518 -14.94 26.06 7.87
N GLY A 519 -15.84 26.97 7.51
CA GLY A 519 -15.98 27.39 6.11
C GLY A 519 -17.25 26.81 5.50
N ARG A 520 -17.71 27.44 4.43
CA ARG A 520 -18.91 27.05 3.69
C ARG A 520 -18.86 25.58 3.21
N GLU A 521 -17.75 25.19 2.59
CA GLU A 521 -17.62 23.84 2.05
C GLU A 521 -17.79 22.81 3.14
N ALA A 522 -17.13 23.05 4.26
CA ALA A 522 -17.27 22.12 5.39
C ALA A 522 -18.72 22.04 5.87
N GLY A 523 -19.35 23.21 5.98
CA GLY A 523 -20.73 23.31 6.42
C GLY A 523 -21.63 22.50 5.50
N GLU A 524 -21.35 22.54 4.21
CA GLU A 524 -22.15 21.80 3.25
C GLU A 524 -21.94 20.27 3.18
N SER A 525 -20.88 19.80 3.83
CA SER A 525 -20.67 18.39 4.05
C SER A 525 -20.95 17.88 5.47
N TRP A 526 -21.29 18.76 6.42
CA TRP A 526 -21.47 18.32 7.81
C TRP A 526 -22.47 17.16 7.95
N LYS A 527 -23.68 17.35 7.42
CA LYS A 527 -24.76 16.39 7.55
C LYS A 527 -24.47 15.14 6.72
N SER A 528 -23.91 15.30 5.53
CA SER A 528 -23.68 14.12 4.70
C SER A 528 -22.54 13.28 5.30
N ILE A 529 -21.51 13.92 5.82
CA ILE A 529 -20.47 13.15 6.52
C ILE A 529 -21.03 12.44 7.78
N LEU A 530 -21.80 13.16 8.56
CA LEU A 530 -22.41 12.52 9.69
C LEU A 530 -23.27 11.31 9.23
N ASN A 531 -24.12 11.49 8.23
CA ASN A 531 -25.01 10.38 7.78
C ASN A 531 -24.18 9.17 7.33
N SER A 532 -23.11 9.41 6.57
CA SER A 532 -22.15 8.37 6.20
C SER A 532 -21.49 7.72 7.39
N LEU A 533 -21.11 8.50 8.41
CA LEU A 533 -20.50 7.88 9.60
C LEU A 533 -21.53 6.96 10.26
N TYR A 534 -22.78 7.40 10.36
CA TYR A 534 -23.78 6.55 10.99
C TYR A 534 -23.96 5.27 10.21
N GLU A 535 -23.95 5.38 8.88
CA GLU A 535 -24.22 4.25 8.00
C GLU A 535 -23.07 3.25 8.08
N LEU A 536 -21.87 3.77 8.15
CA LEU A 536 -20.66 2.97 8.24
C LEU A 536 -20.69 2.22 9.60
N LEU A 537 -21.01 2.94 10.67
CA LEU A 537 -21.14 2.33 11.97
C LEU A 537 -22.10 1.15 11.92
N ALA A 538 -23.24 1.33 11.24
CA ALA A 538 -24.23 0.25 11.16
C ALA A 538 -23.66 -0.93 10.39
N ALA A 539 -22.90 -0.61 9.35
CA ALA A 539 -22.21 -1.68 8.60
C ALA A 539 -21.20 -2.41 9.45
N LEU A 540 -20.55 -1.71 10.36
CA LEU A 540 -19.49 -2.31 11.16
C LEU A 540 -20.05 -3.24 12.22
N ILE A 541 -21.35 -3.14 12.52
CA ILE A 541 -21.91 -4.09 13.47
C ILE A 541 -23.04 -5.00 12.99
N ARG A 542 -23.45 -4.94 11.72
CA ARG A 542 -24.62 -5.75 11.34
C ARG A 542 -24.30 -7.25 11.34
N GLY A 543 -25.35 -8.07 11.45
CA GLY A 543 -25.22 -9.54 11.55
C GLY A 543 -24.65 -10.22 10.30
#